data_1DAI
#
_entry.id   1DAI
#
_cell.length_a   73.200
_cell.length_b   49.200
_cell.length_c   61.800
_cell.angle_alpha   90.00
_cell.angle_beta   107.10
_cell.angle_gamma   90.00
#
_symmetry.space_group_name_H-M   'C 1 2 1'
#
loop_
_entity.id
_entity.type
_entity.pdbx_description
1 polymer 'DETHIOBIOTIN SYNTHETASE'
2 non-polymer '7-(CARBOXYAMINO)-8-AMINO-NONANOIC ACID'
3 water water
#
_entity_poly.entity_id   1
_entity_poly.type   'polypeptide(L)'
_entity_poly.pdbx_seq_one_letter_code
;SKRYFVTGTDTEVGKTVASCALLQAAKAAGYRTAGYKPVASGSEKTPEGLRNSDALALQRNSSLQLDYATVNPYTFAEPT
SPHIISAQEGRPIESLVMSAGLRALEQQADWVLVEGAGGWFTPLSDTFTFADWVTQEQLPVILVVGVKLGCINHAMLTAQ
VIQHAGLTLAGWVANDVTPPGKRHAEYMTTLTRMIPAPLLGEIPWLAENPENAATGKYINLALL
;
_entity_poly.pdbx_strand_id   A
#
# COMPACT_ATOMS: atom_id res chain seq x y z
N SER A 1 -1.86 18.33 -1.34
CA SER A 1 -1.75 17.09 -2.07
C SER A 1 -2.86 16.16 -1.56
N LYS A 2 -3.43 15.32 -2.44
CA LYS A 2 -4.28 14.20 -2.01
C LYS A 2 -3.25 13.20 -1.47
N ARG A 3 -3.56 12.43 -0.44
CA ARG A 3 -2.63 11.43 0.09
C ARG A 3 -3.49 10.23 0.43
N TYR A 4 -2.97 9.03 0.15
CA TYR A 4 -3.72 7.83 0.49
C TYR A 4 -2.79 6.81 1.06
N PHE A 5 -3.23 5.96 1.96
CA PHE A 5 -2.40 4.85 2.47
C PHE A 5 -3.01 3.56 1.90
N VAL A 6 -2.21 2.66 1.35
CA VAL A 6 -2.69 1.42 0.81
C VAL A 6 -2.30 0.29 1.75
N THR A 7 -3.24 -0.53 2.17
CA THR A 7 -2.95 -1.69 3.02
C THR A 7 -3.59 -2.91 2.34
N GLY A 8 -3.26 -4.17 2.68
CA GLY A 8 -3.79 -5.36 2.04
C GLY A 8 -4.40 -6.26 3.09
N THR A 9 -5.25 -7.20 2.73
CA THR A 9 -5.87 -8.11 3.68
C THR A 9 -4.94 -9.20 4.23
N ASP A 10 -3.97 -9.59 3.43
CA ASP A 10 -2.96 -10.59 3.79
C ASP A 10 -1.71 -10.24 2.97
N THR A 11 -0.60 -10.92 3.29
CA THR A 11 0.65 -10.88 2.54
C THR A 11 0.33 -11.56 1.20
N GLU A 12 1.04 -11.26 0.12
CA GLU A 12 0.78 -11.84 -1.20
C GLU A 12 -0.70 -11.69 -1.63
N VAL A 13 -1.24 -10.49 -1.48
CA VAL A 13 -2.53 -10.22 -2.09
C VAL A 13 -2.31 -9.35 -3.32
N GLY A 14 -1.06 -9.07 -3.70
CA GLY A 14 -0.73 -8.20 -4.84
C GLY A 14 -0.96 -6.69 -4.59
N LYS A 15 -0.69 -6.19 -3.37
CA LYS A 15 -0.87 -4.79 -2.99
C LYS A 15 -0.06 -3.87 -3.91
N THR A 16 1.21 -4.15 -4.22
CA THR A 16 1.90 -3.24 -5.13
C THR A 16 1.35 -3.22 -6.54
N VAL A 17 0.73 -4.32 -7.01
CA VAL A 17 0.04 -4.33 -8.30
C VAL A 17 -1.06 -3.27 -8.26
N ALA A 18 -1.90 -3.28 -7.22
CA ALA A 18 -2.96 -2.28 -7.10
C ALA A 18 -2.36 -0.90 -6.91
N SER A 19 -1.28 -0.67 -6.14
CA SER A 19 -0.63 0.62 -6.00
C SER A 19 -0.16 1.17 -7.36
N CYS A 20 0.47 0.36 -8.21
CA CYS A 20 0.90 0.81 -9.54
C CYS A 20 -0.30 1.14 -10.44
N ALA A 21 -1.39 0.38 -10.34
CA ALA A 21 -2.59 0.65 -11.12
C ALA A 21 -3.14 2.00 -10.64
N LEU A 22 -3.13 2.30 -9.32
CA LEU A 22 -3.62 3.55 -8.79
C LEU A 22 -2.79 4.72 -9.24
N LEU A 23 -1.46 4.54 -9.21
CA LEU A 23 -0.53 5.53 -9.67
C LEU A 23 -0.66 5.84 -11.16
N GLN A 24 -0.88 4.80 -11.99
CA GLN A 24 -1.10 4.97 -13.42
C GLN A 24 -2.38 5.72 -13.70
N ALA A 25 -3.46 5.43 -13.00
CA ALA A 25 -4.71 6.14 -13.22
C ALA A 25 -4.57 7.61 -12.81
N ALA A 26 -3.85 7.92 -11.70
CA ALA A 26 -3.74 9.29 -11.23
C ALA A 26 -2.95 10.13 -12.23
N LYS A 27 -1.93 9.51 -12.82
CA LYS A 27 -1.10 10.18 -13.80
C LYS A 27 -1.99 10.42 -15.00
N ALA A 28 -2.80 9.47 -15.44
CA ALA A 28 -3.69 9.72 -16.56
C ALA A 28 -4.69 10.88 -16.27
N ALA A 29 -5.09 11.06 -15.01
CA ALA A 29 -5.98 12.12 -14.68
C ALA A 29 -5.26 13.45 -14.57
N GLY A 30 -3.93 13.50 -14.71
CA GLY A 30 -3.16 14.74 -14.79
C GLY A 30 -2.43 15.14 -13.50
N TYR A 31 -2.44 14.30 -12.47
CA TYR A 31 -1.69 14.56 -11.24
C TYR A 31 -0.17 14.35 -11.36
N ARG A 32 0.63 15.13 -10.62
CA ARG A 32 2.07 14.95 -10.52
C ARG A 32 2.14 13.97 -9.34
N THR A 33 2.54 12.73 -9.60
CA THR A 33 2.42 11.65 -8.63
C THR A 33 3.70 11.16 -8.02
N ALA A 34 3.58 10.58 -6.82
CA ALA A 34 4.72 10.04 -6.12
C ALA A 34 4.25 8.88 -5.29
N GLY A 35 5.00 7.78 -5.36
CA GLY A 35 4.76 6.64 -4.47
C GLY A 35 5.75 6.75 -3.31
N TYR A 36 5.34 6.27 -2.14
CA TYR A 36 6.18 6.35 -0.98
C TYR A 36 6.07 5.04 -0.25
N LYS A 37 7.18 4.38 0.07
CA LYS A 37 7.12 3.14 0.86
C LYS A 37 8.13 3.40 1.95
N PRO A 38 7.73 4.01 3.08
CA PRO A 38 8.67 4.40 4.10
C PRO A 38 9.51 3.24 4.62
N VAL A 39 8.97 2.02 4.77
CA VAL A 39 9.69 0.89 5.33
C VAL A 39 9.53 -0.29 4.38
N ALA A 40 10.65 -0.97 4.09
CA ALA A 40 10.61 -2.18 3.28
C ALA A 40 11.58 -3.24 3.84
N SER A 41 11.23 -4.53 3.89
CA SER A 41 12.15 -5.59 4.27
C SER A 41 12.07 -6.62 3.13
N GLY A 42 13.20 -7.22 2.80
CA GLY A 42 13.24 -8.17 1.70
C GLY A 42 13.79 -7.38 0.54
N SER A 43 15.09 -7.11 0.61
CA SER A 43 15.75 -6.30 -0.40
C SER A 43 17.00 -6.92 -1.06
N GLU A 44 17.32 -6.57 -2.31
CA GLU A 44 18.54 -6.98 -2.97
C GLU A 44 19.74 -6.03 -2.87
N LYS A 45 20.95 -6.60 -2.90
CA LYS A 45 22.14 -5.77 -2.90
C LYS A 45 22.43 -5.34 -4.34
N THR A 46 22.85 -4.10 -4.54
CA THR A 46 23.24 -3.58 -5.86
C THR A 46 24.49 -2.74 -5.56
N PRO A 47 25.22 -2.15 -6.54
CA PRO A 47 26.35 -1.28 -6.28
C PRO A 47 25.97 -0.03 -5.51
N GLU A 48 24.71 0.33 -5.40
CA GLU A 48 24.38 1.56 -4.70
C GLU A 48 23.77 1.36 -3.33
N GLY A 49 23.59 0.11 -2.92
CA GLY A 49 22.96 -0.22 -1.66
C GLY A 49 21.79 -1.18 -1.92
N LEU A 50 21.00 -1.44 -0.86
CA LEU A 50 19.87 -2.34 -0.90
C LEU A 50 18.75 -1.64 -1.60
N ARG A 51 18.09 -2.47 -2.41
CA ARG A 51 16.94 -2.05 -3.22
C ARG A 51 15.85 -3.10 -3.07
N ASN A 52 14.66 -2.64 -2.77
CA ASN A 52 13.51 -3.49 -2.53
C ASN A 52 12.71 -3.41 -3.82
N SER A 53 12.23 -4.50 -4.42
CA SER A 53 11.50 -4.48 -5.67
C SER A 53 10.17 -3.77 -5.71
N ASP A 54 9.35 -3.84 -4.64
CA ASP A 54 8.11 -3.08 -4.54
C ASP A 54 8.36 -1.58 -4.57
N ALA A 55 9.38 -1.16 -3.82
CA ALA A 55 9.77 0.26 -3.80
C ALA A 55 10.19 0.73 -5.22
N LEU A 56 11.01 -0.10 -5.90
CA LEU A 56 11.39 0.17 -7.30
C LEU A 56 10.17 0.26 -8.22
N ALA A 57 9.12 -0.53 -7.99
CA ALA A 57 7.92 -0.42 -8.79
C ALA A 57 7.23 0.94 -8.57
N LEU A 58 7.24 1.43 -7.33
CA LEU A 58 6.59 2.69 -6.99
C LEU A 58 7.37 3.83 -7.61
N GLN A 59 8.72 3.77 -7.52
CA GLN A 59 9.61 4.77 -8.14
C GLN A 59 9.34 4.84 -9.64
N ARG A 60 9.36 3.72 -10.37
CA ARG A 60 9.10 3.82 -11.79
C ARG A 60 7.65 4.02 -12.15
N ASN A 61 6.70 3.91 -11.23
CA ASN A 61 5.37 4.29 -11.66
C ASN A 61 5.00 5.72 -11.26
N SER A 62 5.84 6.46 -10.52
CA SER A 62 5.58 7.86 -10.19
C SER A 62 5.80 8.76 -11.42
N SER A 63 5.08 9.86 -11.63
CA SER A 63 5.28 10.67 -12.81
C SER A 63 6.43 11.63 -12.56
N LEU A 64 6.83 11.94 -11.32
CA LEU A 64 8.05 12.73 -11.08
C LEU A 64 9.27 11.81 -11.16
N GLN A 65 10.45 12.22 -11.64
CA GLN A 65 11.63 11.36 -11.52
C GLN A 65 12.00 11.50 -10.05
N LEU A 66 12.18 10.44 -9.26
CA LEU A 66 12.50 10.59 -7.85
C LEU A 66 13.68 9.70 -7.49
N ASP A 67 14.54 10.08 -6.55
CA ASP A 67 15.65 9.23 -6.10
C ASP A 67 15.11 8.12 -5.24
N TYR A 68 15.82 7.01 -5.22
CA TYR A 68 15.32 5.87 -4.52
C TYR A 68 15.09 6.14 -3.03
N ALA A 69 16.06 6.74 -2.33
CA ALA A 69 15.95 6.97 -0.90
C ALA A 69 14.80 7.90 -0.59
N THR A 70 14.35 8.75 -1.51
CA THR A 70 13.18 9.59 -1.27
C THR A 70 11.89 8.71 -1.20
N VAL A 71 11.85 7.68 -2.06
CA VAL A 71 10.75 6.73 -2.14
C VAL A 71 10.88 5.79 -0.97
N ASN A 72 12.05 5.37 -0.60
CA ASN A 72 12.11 4.38 0.46
C ASN A 72 13.30 4.63 1.37
N PRO A 73 13.08 5.43 2.42
CA PRO A 73 14.05 5.75 3.45
C PRO A 73 14.58 4.52 4.16
N TYR A 74 13.80 3.52 4.54
CA TYR A 74 14.30 2.45 5.39
C TYR A 74 14.32 1.15 4.62
N THR A 75 15.47 0.55 4.28
CA THR A 75 15.49 -0.63 3.42
C THR A 75 16.16 -1.73 4.19
N PHE A 76 15.53 -2.88 4.42
CA PHE A 76 16.18 -3.97 5.16
C PHE A 76 16.27 -5.17 4.24
N ALA A 77 17.36 -5.93 4.35
CA ALA A 77 17.61 -7.06 3.45
C ALA A 77 16.73 -8.26 3.71
N GLU A 78 16.58 -8.61 4.99
CA GLU A 78 15.83 -9.79 5.36
C GLU A 78 14.32 -9.64 5.25
N PRO A 79 13.57 -10.50 4.57
CA PRO A 79 12.11 -10.45 4.48
C PRO A 79 11.36 -10.89 5.76
N THR A 80 11.45 -10.15 6.87
CA THR A 80 10.74 -10.51 8.09
C THR A 80 10.04 -9.24 8.57
N SER A 81 9.38 -9.28 9.73
CA SER A 81 8.78 -8.09 10.31
C SER A 81 9.84 -7.01 10.59
N PRO A 82 9.58 -5.75 10.19
CA PRO A 82 10.49 -4.64 10.35
C PRO A 82 11.01 -4.49 11.76
N HIS A 83 10.21 -4.69 12.83
CA HIS A 83 10.74 -4.48 14.17
C HIS A 83 11.87 -5.46 14.58
N ILE A 84 11.86 -6.69 14.01
CA ILE A 84 12.85 -7.73 14.26
C ILE A 84 14.16 -7.31 13.60
N ILE A 85 14.16 -7.07 12.30
CA ILE A 85 15.38 -6.69 11.63
C ILE A 85 15.87 -5.28 12.02
N SER A 86 15.01 -4.32 12.36
CA SER A 86 15.44 -3.04 12.86
C SER A 86 16.30 -3.25 14.14
N ALA A 87 15.79 -4.05 15.09
CA ALA A 87 16.45 -4.34 16.35
C ALA A 87 17.75 -5.05 16.03
N GLN A 88 17.71 -6.03 15.13
CA GLN A 88 18.90 -6.79 14.80
C GLN A 88 20.01 -5.92 14.28
N GLU A 89 19.66 -5.04 13.37
CA GLU A 89 20.66 -4.21 12.77
C GLU A 89 21.01 -2.99 13.58
N GLY A 90 20.26 -2.61 14.62
CA GLY A 90 20.63 -1.42 15.37
C GLY A 90 20.28 -0.13 14.62
N ARG A 91 19.20 -0.16 13.82
CA ARG A 91 18.71 1.01 13.10
C ARG A 91 17.20 1.19 13.42
N PRO A 92 16.91 2.00 14.45
CA PRO A 92 15.54 2.38 14.85
C PRO A 92 14.69 2.93 13.71
N ILE A 93 13.44 2.55 13.62
CA ILE A 93 12.57 3.15 12.64
C ILE A 93 11.85 4.28 13.35
N GLU A 94 12.23 5.50 12.96
CA GLU A 94 11.72 6.71 13.56
C GLU A 94 10.51 7.31 12.84
N SER A 95 9.46 7.54 13.59
CA SER A 95 8.25 8.20 13.11
C SER A 95 8.55 9.54 12.50
N LEU A 96 9.37 10.39 13.10
CA LEU A 96 9.71 11.68 12.53
C LEU A 96 10.37 11.57 11.15
N VAL A 97 11.24 10.58 10.90
CA VAL A 97 11.85 10.42 9.57
C VAL A 97 10.78 9.97 8.55
N MET A 98 9.92 9.02 8.99
CA MET A 98 8.82 8.58 8.13
C MET A 98 7.93 9.80 7.78
N SER A 99 7.52 10.67 8.71
CA SER A 99 6.73 11.85 8.41
C SER A 99 7.50 12.90 7.60
N ALA A 100 8.80 13.11 7.88
CA ALA A 100 9.57 14.09 7.14
C ALA A 100 9.60 13.71 5.67
N GLY A 101 9.74 12.41 5.40
CA GLY A 101 9.82 11.92 4.04
C GLY A 101 8.53 12.17 3.25
N LEU A 102 7.38 12.03 3.91
CA LEU A 102 6.09 12.28 3.29
C LEU A 102 6.00 13.78 2.97
N ARG A 103 6.36 14.68 3.91
CA ARG A 103 6.36 16.12 3.62
C ARG A 103 7.22 16.54 2.42
N ALA A 104 8.35 15.86 2.28
CA ALA A 104 9.34 16.15 1.24
C ALA A 104 8.71 15.85 -0.10
N LEU A 105 7.98 14.71 -0.19
CA LEU A 105 7.25 14.38 -1.41
C LEU A 105 6.12 15.39 -1.73
N GLU A 106 5.39 15.80 -0.70
CA GLU A 106 4.34 16.80 -0.84
C GLU A 106 4.87 18.15 -1.34
N GLN A 107 6.17 18.42 -1.29
CA GLN A 107 6.71 19.62 -1.91
C GLN A 107 6.59 19.59 -3.42
N GLN A 108 6.62 18.40 -3.97
CA GLN A 108 6.72 18.23 -5.38
C GLN A 108 5.61 17.45 -5.98
N ALA A 109 4.81 16.69 -5.23
CA ALA A 109 3.78 15.94 -5.87
C ALA A 109 2.45 16.39 -5.33
N ASP A 110 1.37 16.32 -6.10
CA ASP A 110 0.10 16.68 -5.54
C ASP A 110 -0.80 15.47 -5.34
N TRP A 111 -0.31 14.27 -5.66
CA TRP A 111 -1.07 13.04 -5.41
C TRP A 111 -0.01 12.08 -4.92
N VAL A 112 -0.06 11.73 -3.64
CA VAL A 112 0.94 10.83 -3.05
C VAL A 112 0.28 9.55 -2.54
N LEU A 113 0.85 8.41 -2.90
CA LEU A 113 0.33 7.12 -2.50
C LEU A 113 1.36 6.55 -1.54
N VAL A 114 0.92 6.13 -0.36
CA VAL A 114 1.84 5.63 0.68
C VAL A 114 1.55 4.15 0.90
N GLU A 115 2.54 3.29 0.77
CA GLU A 115 2.32 1.84 0.87
C GLU A 115 2.99 1.37 2.15
N GLY A 116 2.32 0.64 3.00
CA GLY A 116 3.01 0.12 4.17
C GLY A 116 3.75 -1.18 3.86
N ALA A 117 4.29 -1.80 4.93
CA ALA A 117 4.93 -3.11 4.85
C ALA A 117 3.97 -4.12 5.48
N GLY A 118 3.72 -5.31 4.96
CA GLY A 118 2.83 -6.26 5.64
C GLY A 118 1.37 -5.79 5.68
N GLY A 119 0.67 -6.12 6.76
CA GLY A 119 -0.73 -5.77 6.93
C GLY A 119 -0.85 -4.58 7.91
N TRP A 120 -2.07 -4.33 8.40
CA TRP A 120 -2.36 -3.16 9.23
C TRP A 120 -1.49 -3.00 10.45
N PHE A 121 -1.43 -4.09 11.20
CA PHE A 121 -0.76 -4.04 12.47
C PHE A 121 0.70 -4.46 12.44
N THR A 122 1.45 -4.22 11.36
CA THR A 122 2.89 -4.52 11.36
C THR A 122 3.71 -3.69 12.40
N PRO A 123 4.37 -4.33 13.39
CA PRO A 123 5.19 -3.64 14.36
C PRO A 123 6.39 -2.97 13.70
N LEU A 124 6.70 -1.75 14.13
CA LEU A 124 7.89 -1.05 13.68
C LEU A 124 8.87 -1.04 14.82
N SER A 125 8.39 -1.06 16.07
CA SER A 125 9.29 -1.19 17.21
C SER A 125 8.50 -2.00 18.23
N ASP A 126 8.99 -2.20 19.43
CA ASP A 126 8.22 -2.92 20.43
C ASP A 126 7.06 -2.17 21.00
N THR A 127 7.06 -0.86 20.86
CA THR A 127 5.94 -0.05 21.32
C THR A 127 5.23 0.75 20.21
N PHE A 128 5.45 0.46 18.95
CA PHE A 128 4.95 1.31 17.87
C PHE A 128 4.57 0.47 16.65
N THR A 129 3.38 0.55 16.10
CA THR A 129 3.02 -0.22 14.92
C THR A 129 2.80 0.74 13.77
N PHE A 130 2.69 0.20 12.56
CA PHE A 130 2.38 0.99 11.38
C PHE A 130 1.04 1.70 11.55
N ALA A 131 0.04 1.00 12.07
CA ALA A 131 -1.22 1.58 12.41
C ALA A 131 -1.12 2.85 13.25
N ASP A 132 -0.21 2.95 14.23
CA ASP A 132 -0.02 4.16 15.04
C ASP A 132 0.43 5.32 14.18
N TRP A 133 1.38 5.16 13.26
CA TRP A 133 1.85 6.24 12.39
C TRP A 133 0.72 6.69 11.43
N VAL A 134 0.02 5.76 10.78
CA VAL A 134 -1.08 6.10 9.88
C VAL A 134 -2.16 6.88 10.66
N THR A 135 -2.56 6.48 11.87
CA THR A 135 -3.55 7.21 12.62
C THR A 135 -3.08 8.62 12.93
N GLN A 136 -1.81 8.73 13.25
CA GLN A 136 -1.20 9.98 13.59
C GLN A 136 -1.19 10.89 12.37
N GLU A 137 -0.84 10.40 11.19
CA GLU A 137 -0.85 11.22 10.00
C GLU A 137 -2.25 11.44 9.46
N GLN A 138 -3.25 10.78 10.01
CA GLN A 138 -4.64 10.91 9.58
C GLN A 138 -4.83 10.64 8.09
N LEU A 139 -4.17 9.63 7.56
CA LEU A 139 -4.28 9.28 6.16
C LEU A 139 -5.59 8.50 5.87
N PRO A 140 -6.36 8.79 4.81
CA PRO A 140 -7.40 7.92 4.30
C PRO A 140 -6.75 6.64 3.77
N VAL A 141 -7.47 5.54 3.96
CA VAL A 141 -6.97 4.20 3.68
C VAL A 141 -7.69 3.53 2.54
N ILE A 142 -6.94 2.90 1.62
CA ILE A 142 -7.51 2.13 0.50
C ILE A 142 -7.16 0.68 0.83
N LEU A 143 -8.13 -0.23 0.86
CA LEU A 143 -7.87 -1.60 1.20
C LEU A 143 -7.69 -2.47 -0.05
N VAL A 144 -6.63 -3.24 -0.26
CA VAL A 144 -6.53 -4.17 -1.38
C VAL A 144 -6.92 -5.58 -0.91
N VAL A 145 -7.91 -6.17 -1.57
CA VAL A 145 -8.45 -7.48 -1.21
C VAL A 145 -8.08 -8.50 -2.29
N GLY A 146 -7.29 -9.52 -1.98
CA GLY A 146 -7.02 -10.59 -2.96
C GLY A 146 -8.27 -11.45 -2.93
N VAL A 147 -8.94 -11.75 -4.04
CA VAL A 147 -10.15 -12.52 -3.95
C VAL A 147 -9.81 -14.04 -3.91
N LYS A 148 -10.01 -14.66 -2.75
CA LYS A 148 -9.75 -16.06 -2.54
C LYS A 148 -10.55 -16.49 -1.31
N LEU A 149 -10.55 -17.81 -0.99
CA LEU A 149 -11.31 -18.29 0.16
C LEU A 149 -10.60 -17.72 1.38
N GLY A 150 -11.40 -17.16 2.27
CA GLY A 150 -10.82 -16.58 3.48
C GLY A 150 -10.73 -15.05 3.44
N CYS A 151 -10.95 -14.41 2.28
CA CYS A 151 -10.77 -12.96 2.21
C CYS A 151 -11.94 -12.22 2.81
N ILE A 152 -13.15 -12.78 2.91
CA ILE A 152 -14.28 -12.03 3.49
C ILE A 152 -13.99 -11.68 4.94
N ASN A 153 -13.56 -12.72 5.65
CA ASN A 153 -13.16 -12.56 7.04
C ASN A 153 -12.03 -11.55 7.13
N HIS A 154 -10.95 -11.65 6.35
CA HIS A 154 -9.85 -10.68 6.50
C HIS A 154 -10.25 -9.25 6.10
N ALA A 155 -11.12 -9.08 5.09
CA ALA A 155 -11.51 -7.76 4.66
C ALA A 155 -12.38 -7.14 5.75
N MET A 156 -13.31 -7.89 6.34
CA MET A 156 -14.14 -7.38 7.39
C MET A 156 -13.37 -7.02 8.66
N LEU A 157 -12.39 -7.82 9.12
CA LEU A 157 -11.57 -7.50 10.29
C LEU A 157 -10.83 -6.21 10.07
N THR A 158 -10.13 -6.06 8.94
CA THR A 158 -9.34 -4.88 8.66
C THR A 158 -10.27 -3.64 8.58
N ALA A 159 -11.40 -3.71 7.84
CA ALA A 159 -12.33 -2.60 7.75
C ALA A 159 -12.85 -2.14 9.11
N GLN A 160 -13.21 -3.03 10.04
CA GLN A 160 -13.72 -2.58 11.33
C GLN A 160 -12.61 -1.98 12.14
N VAL A 161 -11.40 -2.53 12.11
CA VAL A 161 -10.34 -1.92 12.87
C VAL A 161 -9.99 -0.53 12.36
N ILE A 162 -9.93 -0.22 11.06
CA ILE A 162 -9.58 1.13 10.60
C ILE A 162 -10.64 2.14 11.03
N GLN A 163 -11.92 1.75 10.94
CA GLN A 163 -13.03 2.62 11.32
C GLN A 163 -13.02 2.85 12.80
N HIS A 164 -12.74 1.83 13.61
CA HIS A 164 -12.60 1.97 15.05
C HIS A 164 -11.50 2.99 15.35
N ALA A 165 -10.44 3.10 14.56
CA ALA A 165 -9.40 4.05 14.83
C ALA A 165 -9.84 5.45 14.37
N GLY A 166 -11.06 5.63 13.82
CA GLY A 166 -11.56 6.92 13.37
C GLY A 166 -10.94 7.34 12.04
N LEU A 167 -10.45 6.44 11.22
CA LEU A 167 -9.89 6.85 9.96
C LEU A 167 -10.92 6.60 8.90
N THR A 168 -10.76 7.24 7.76
CA THR A 168 -11.65 7.09 6.61
C THR A 168 -11.17 5.91 5.80
N LEU A 169 -12.04 4.97 5.52
CA LEU A 169 -11.77 3.95 4.54
C LEU A 169 -12.29 4.55 3.22
N ALA A 170 -11.32 4.98 2.41
CA ALA A 170 -11.61 5.64 1.17
C ALA A 170 -12.14 4.68 0.11
N GLY A 171 -11.79 3.40 0.10
CA GLY A 171 -12.30 2.52 -0.91
C GLY A 171 -11.51 1.25 -0.89
N TRP A 172 -11.92 0.29 -1.70
CA TRP A 172 -11.19 -0.96 -1.83
C TRP A 172 -10.94 -1.37 -3.27
N VAL A 173 -9.98 -2.24 -3.51
CA VAL A 173 -9.61 -2.70 -4.81
C VAL A 173 -9.62 -4.22 -4.74
N ALA A 174 -10.26 -4.93 -5.69
CA ALA A 174 -10.24 -6.38 -5.75
C ALA A 174 -9.13 -6.78 -6.71
N ASN A 175 -8.21 -7.62 -6.22
CA ASN A 175 -7.10 -8.13 -7.01
C ASN A 175 -7.29 -9.63 -7.25
N ASP A 176 -7.46 -10.05 -8.49
CA ASP A 176 -7.67 -11.46 -8.76
C ASP A 176 -6.35 -12.20 -8.72
N VAL A 177 -6.12 -12.88 -7.61
CA VAL A 177 -4.85 -13.53 -7.39
C VAL A 177 -4.86 -14.95 -7.99
N THR A 178 -5.96 -15.55 -8.39
CA THR A 178 -5.91 -16.85 -9.04
C THR A 178 -6.67 -16.73 -10.35
N PRO A 179 -6.55 -17.69 -11.29
CA PRO A 179 -7.46 -17.82 -12.43
C PRO A 179 -8.95 -17.83 -11.99
N PRO A 180 -9.90 -17.54 -12.89
CA PRO A 180 -11.32 -17.67 -12.65
C PRO A 180 -11.68 -19.00 -12.02
N GLY A 181 -12.46 -18.91 -10.94
CA GLY A 181 -12.94 -20.08 -10.20
C GLY A 181 -14.46 -19.97 -10.05
N LYS A 182 -15.02 -21.04 -9.48
CA LYS A 182 -16.44 -21.25 -9.36
C LYS A 182 -17.21 -20.14 -8.63
N ARG A 183 -16.72 -19.63 -7.49
CA ARG A 183 -17.62 -18.71 -6.79
C ARG A 183 -17.17 -17.25 -6.85
N HIS A 184 -16.59 -16.85 -7.99
CA HIS A 184 -16.02 -15.53 -8.13
C HIS A 184 -17.08 -14.46 -8.03
N ALA A 185 -18.22 -14.60 -8.69
CA ALA A 185 -19.22 -13.56 -8.68
C ALA A 185 -19.86 -13.42 -7.31
N GLU A 186 -20.08 -14.56 -6.65
CA GLU A 186 -20.73 -14.54 -5.35
C GLU A 186 -19.79 -13.92 -4.30
N TYR A 187 -18.49 -14.20 -4.38
CA TYR A 187 -17.50 -13.55 -3.53
C TYR A 187 -17.45 -12.03 -3.74
N MET A 188 -17.39 -11.55 -4.99
CA MET A 188 -17.43 -10.12 -5.30
C MET A 188 -18.71 -9.46 -4.77
N THR A 189 -19.92 -10.08 -4.90
CA THR A 189 -21.12 -9.54 -4.31
C THR A 189 -21.07 -9.44 -2.78
N THR A 190 -20.71 -10.52 -2.05
CA THR A 190 -20.57 -10.47 -0.59
C THR A 190 -19.57 -9.37 -0.18
N LEU A 191 -18.39 -9.24 -0.81
CA LEU A 191 -17.40 -8.24 -0.47
C LEU A 191 -17.93 -6.86 -0.75
N THR A 192 -18.64 -6.64 -1.85
CA THR A 192 -19.21 -5.34 -2.11
C THR A 192 -20.24 -4.92 -1.05
N ARG A 193 -21.15 -5.84 -0.71
CA ARG A 193 -22.13 -5.58 0.31
C ARG A 193 -21.47 -5.32 1.66
N MET A 194 -20.46 -6.07 2.08
CA MET A 194 -19.93 -5.92 3.45
C MET A 194 -18.86 -4.88 3.72
N ILE A 195 -18.10 -4.42 2.72
CA ILE A 195 -17.03 -3.48 3.00
C ILE A 195 -17.72 -2.12 2.87
N PRO A 196 -17.64 -1.29 3.91
CA PRO A 196 -18.31 -0.01 3.92
C PRO A 196 -17.51 1.05 3.16
N ALA A 197 -17.21 0.91 1.88
CA ALA A 197 -16.44 1.91 1.15
C ALA A 197 -16.60 1.56 -0.31
N PRO A 198 -16.50 2.45 -1.29
CA PRO A 198 -16.66 2.10 -2.68
C PRO A 198 -15.62 1.13 -3.26
N LEU A 199 -16.03 0.17 -4.09
CA LEU A 199 -15.10 -0.65 -4.88
C LEU A 199 -14.54 0.26 -5.99
N LEU A 200 -13.23 0.49 -6.01
CA LEU A 200 -12.58 1.36 -6.99
C LEU A 200 -12.30 0.62 -8.30
N GLY A 201 -12.25 -0.72 -8.32
CA GLY A 201 -11.99 -1.45 -9.56
C GLY A 201 -11.48 -2.85 -9.25
N GLU A 202 -11.39 -3.69 -10.24
CA GLU A 202 -10.95 -5.07 -10.11
C GLU A 202 -9.83 -5.32 -11.13
N ILE A 203 -8.67 -5.77 -10.67
CA ILE A 203 -7.56 -6.07 -11.57
C ILE A 203 -7.61 -7.56 -11.89
N PRO A 204 -7.68 -7.97 -13.15
CA PRO A 204 -7.74 -9.40 -13.52
C PRO A 204 -6.45 -10.17 -13.25
N TRP A 205 -6.54 -11.51 -13.23
CA TRP A 205 -5.42 -12.37 -13.02
C TRP A 205 -4.53 -12.23 -14.23
N LEU A 206 -3.29 -11.96 -13.95
CA LEU A 206 -2.29 -11.78 -14.98
C LEU A 206 -1.10 -12.48 -14.30
N ALA A 207 -0.40 -13.44 -14.91
CA ALA A 207 0.79 -13.98 -14.25
C ALA A 207 1.91 -12.99 -14.55
N ALA A 213 1.47 -5.23 -17.09
CA ALA A 213 1.72 -3.93 -16.49
C ALA A 213 0.71 -2.83 -16.72
N ALA A 214 0.07 -2.58 -17.88
CA ALA A 214 -0.72 -1.32 -17.93
C ALA A 214 -2.09 -1.60 -17.41
N THR A 215 -2.27 -1.25 -16.15
CA THR A 215 -3.44 -1.61 -15.36
C THR A 215 -4.28 -0.43 -14.87
N GLY A 216 -3.85 0.81 -15.15
CA GLY A 216 -4.57 2.01 -14.75
C GLY A 216 -6.03 2.02 -15.12
N LYS A 217 -6.36 1.40 -16.26
CA LYS A 217 -7.72 1.35 -16.83
C LYS A 217 -8.67 0.58 -15.95
N TYR A 218 -8.19 -0.27 -15.03
CA TYR A 218 -9.12 -1.04 -14.21
C TYR A 218 -9.55 -0.26 -12.98
N ILE A 219 -8.97 0.93 -12.77
CA ILE A 219 -9.29 1.78 -11.65
C ILE A 219 -10.17 2.97 -12.02
N ASN A 220 -11.25 3.19 -11.29
CA ASN A 220 -12.09 4.36 -11.46
C ASN A 220 -11.73 5.38 -10.40
N LEU A 221 -10.85 6.33 -10.76
CA LEU A 221 -10.37 7.32 -9.80
C LEU A 221 -11.44 8.32 -9.40
N ALA A 222 -12.49 8.41 -10.20
CA ALA A 222 -13.63 9.26 -9.88
C ALA A 222 -14.36 8.81 -8.63
N LEU A 223 -14.05 7.67 -8.01
CA LEU A 223 -14.76 7.31 -6.79
C LEU A 223 -13.92 7.62 -5.55
N LEU A 224 -12.73 8.15 -5.73
CA LEU A 224 -11.87 8.46 -4.59
C LEU A 224 -12.05 9.90 -4.14
#